data_4X7G
#
_entry.id   4X7G
#
_cell.length_a   53.090
_cell.length_b   60.280
_cell.length_c   76.250
_cell.angle_alpha   90.00
_cell.angle_beta   90.00
_cell.angle_gamma   90.00
#
_symmetry.space_group_name_H-M   'P 21 21 21'
#
loop_
_entity.id
_entity.type
_entity.pdbx_description
1 polymer 'Precorrin-6A reductase'
2 non-polymer 'NADP NICOTINAMIDE-ADENINE-DINUCLEOTIDE PHOSPHATE'
3 non-polymer '3-[(1R,2S,3S,7S,11S,16S,17R,18R,19R)-2,7,12,18-tetrakis(2-hydroxy-2-oxoethyl)-3,13-bis(3-hydroxy-3-oxopropyl)-1,2,5,7,11,17-hexamethyl-17-(3-oxidanyl-3-oxidanylidene-prop-1-enyl)-3,6,8,10,15,16,18,19,21,24-decahydrocorrin-8-yl]propanoic acid'
4 water water
#
_entity_poly.entity_id   1
_entity_poly.type   'polypeptide(L)'
_entity_poly.pdbx_seq_one_letter_code
;(MSE)TRLLVLGGTTEASRLAKTLADQGFEAVFSYAGRTGAPVAQPLPTRIGGFGGVAGLVDYLTREGVSHVIDATHPFA
AQ(MSE)SANAVAACAQTGVALCAFERAPWTAQAGDRWTHVPDLAAAVAALPQAPARVFLAIGKQHLRDFSAAPQHHYLL
RLVDPPEGPLPLPDARAVIARGPFTVQGDTELLRSETITHVVAKNAGGAGAEAKLIAARSLGLPVILIDRPAVPARDICA
TLEGV(MSE)GWLADHGATPRGV
;
_entity_poly.pdbx_strand_id   A
#
loop_
_chem_comp.id
_chem_comp.type
_chem_comp.name
_chem_comp.formula
3Y8 non-polymer '3-[(1R,2S,3S,7S,11S,16S,17R,18R,19R)-2,7,12,18-tetrakis(2-hydroxy-2-oxoethyl)-3,13-bis(3-hydroxy-3-oxopropyl)-1,2,5,7,11,17-hexamethyl-17-(3-oxidanyl-3-oxidanylidene-prop-1-enyl)-3,6,8,10,15,16,18,19,21,24-decahydrocorrin-8-yl]propanoic acid' 'C45 H60 N4 O16'
NAP non-polymer 'NADP NICOTINAMIDE-ADENINE-DINUCLEOTIDE PHOSPHATE' 'C21 H28 N7 O17 P3'
#
# COMPACT_ATOMS: atom_id res chain seq x y z
N MSE A 1 21.34 -20.30 6.84
CA MSE A 1 20.56 -19.61 7.90
C MSE A 1 19.78 -18.36 7.43
O MSE A 1 19.85 -17.80 6.33
CB MSE A 1 21.51 -19.21 9.02
CG MSE A 1 22.13 -20.38 9.76
SE MSE A 1 20.86 -21.55 10.60
CE MSE A 1 20.21 -20.31 11.96
N THR A 2 18.85 -18.29 8.29
CA THR A 2 17.64 -17.47 8.03
C THR A 2 18.02 -16.07 8.14
N ARG A 3 17.63 -15.27 7.14
CA ARG A 3 17.74 -13.83 7.20
C ARG A 3 16.63 -13.27 6.29
N LEU A 4 15.60 -12.69 6.86
CA LEU A 4 14.44 -12.26 6.10
C LEU A 4 14.56 -10.88 5.64
N LEU A 5 13.97 -10.58 4.49
CA LEU A 5 13.78 -9.19 4.01
C LEU A 5 12.30 -8.97 3.88
N VAL A 6 11.80 -7.95 4.56
CA VAL A 6 10.40 -7.53 4.44
C VAL A 6 10.37 -6.25 3.66
N LEU A 7 9.78 -6.33 2.46
CA LEU A 7 9.53 -5.13 1.70
C LEU A 7 8.25 -4.53 2.24
N GLY A 8 8.32 -3.29 2.76
CA GLY A 8 7.26 -2.74 3.56
C GLY A 8 6.46 -1.66 2.92
N GLY A 9 5.79 -0.89 3.74
CA GLY A 9 4.95 0.20 3.31
C GLY A 9 3.49 0.08 3.52
N THR A 10 3.01 -1.03 4.06
CA THR A 10 1.65 -1.30 4.41
C THR A 10 1.42 -1.56 5.83
N THR A 11 0.17 -1.60 6.31
CA THR A 11 -0.14 -1.98 7.68
C THR A 11 0.21 -3.48 7.80
N GLU A 12 -0.07 -4.27 6.75
CA GLU A 12 0.33 -5.67 6.78
C GLU A 12 1.82 -5.79 7.10
N ALA A 13 2.65 -5.03 6.38
CA ALA A 13 4.08 -5.09 6.64
C ALA A 13 4.41 -4.74 8.10
N SER A 14 3.77 -3.72 8.65
CA SER A 14 4.02 -3.36 10.05
C SER A 14 3.61 -4.41 10.99
N ARG A 15 2.51 -5.07 10.78
CA ARG A 15 2.08 -6.15 11.64
C ARG A 15 3.04 -7.31 11.52
N LEU A 16 3.51 -7.59 10.31
CA LEU A 16 4.47 -8.67 10.14
C LEU A 16 5.80 -8.35 10.86
N ALA A 17 6.24 -7.12 10.73
CA ALA A 17 7.52 -6.71 11.40
C ALA A 17 7.40 -6.90 12.89
N LYS A 18 6.30 -6.57 13.50
CA LYS A 18 6.07 -6.78 14.92
C LYS A 18 6.12 -8.23 15.25
N THR A 19 5.47 -9.07 14.48
CA THR A 19 5.46 -10.50 14.69
CA THR A 19 5.47 -10.53 14.76
C THR A 19 6.88 -11.09 14.61
N LEU A 20 7.59 -10.73 13.57
CA LEU A 20 8.96 -11.21 13.31
C LEU A 20 9.88 -10.82 14.46
N ALA A 21 9.79 -9.58 14.92
CA ALA A 21 10.58 -9.19 16.07
C ALA A 21 10.14 -9.98 17.24
N ASP A 22 8.89 -10.11 17.54
CA ASP A 22 8.47 -10.79 18.72
CA ASP A 22 8.35 -10.81 18.69
C ASP A 22 8.88 -12.22 18.72
N GLN A 23 8.92 -12.84 17.56
CA GLN A 23 9.31 -14.24 17.51
C GLN A 23 10.79 -14.44 17.33
N GLY A 24 11.56 -13.40 17.32
CA GLY A 24 12.99 -13.53 17.29
C GLY A 24 13.62 -13.89 15.99
N PHE A 25 13.04 -13.48 14.86
CA PHE A 25 13.68 -13.70 13.56
C PHE A 25 14.70 -12.69 13.25
N GLU A 26 15.76 -13.08 12.53
CA GLU A 26 16.69 -12.18 11.97
C GLU A 26 16.08 -11.62 10.67
N ALA A 27 15.87 -10.34 10.63
CA ALA A 27 15.11 -9.74 9.54
C ALA A 27 15.46 -8.31 9.36
N VAL A 28 15.35 -7.80 8.14
CA VAL A 28 15.50 -6.36 7.76
C VAL A 28 14.18 -5.90 7.18
N PHE A 29 13.75 -4.71 7.51
CA PHE A 29 12.61 -4.06 6.93
C PHE A 29 13.03 -3.08 5.91
N SER A 30 12.35 -2.93 4.77
CA SER A 30 12.74 -2.00 3.74
C SER A 30 11.61 -1.02 3.41
N TYR A 31 11.93 0.27 3.46
CA TYR A 31 11.10 1.34 2.87
C TYR A 31 11.77 1.84 1.58
N ALA A 32 10.92 2.29 0.69
CA ALA A 32 11.39 2.96 -0.52
C ALA A 32 11.99 4.33 -0.25
N GLY A 33 11.58 4.98 0.76
CA GLY A 33 11.94 6.39 0.99
C GLY A 33 11.02 7.36 0.28
N ARG A 34 9.75 7.01 0.05
CA ARG A 34 8.79 7.90 -0.64
C ARG A 34 8.36 9.02 0.28
N THR A 35 8.49 8.92 1.56
CA THR A 35 8.11 9.95 2.48
C THR A 35 9.24 10.50 3.26
N GLY A 36 9.04 11.64 3.90
CA GLY A 36 10.17 12.34 4.47
C GLY A 36 10.73 11.63 5.66
N ALA A 37 9.91 11.09 6.50
CA ALA A 37 10.33 10.47 7.74
C ALA A 37 9.37 9.30 8.09
N PRO A 38 9.65 8.14 7.48
CA PRO A 38 8.73 7.00 7.71
C PRO A 38 8.77 6.45 9.13
N VAL A 39 7.66 5.97 9.62
CA VAL A 39 7.58 5.59 11.02
C VAL A 39 8.52 4.43 11.30
N ALA A 40 9.00 4.43 12.55
CA ALA A 40 9.92 3.41 12.99
C ALA A 40 9.27 2.02 13.02
N GLN A 41 10.08 1.02 12.73
CA GLN A 41 9.69 -0.39 12.78
C GLN A 41 10.59 -1.11 13.74
N PRO A 42 10.16 -2.23 14.26
CA PRO A 42 10.93 -2.97 15.32
C PRO A 42 11.98 -3.88 14.78
N LEU A 43 12.47 -3.63 13.55
CA LEU A 43 13.55 -4.35 12.87
C LEU A 43 14.53 -3.30 12.34
N PRO A 44 15.78 -3.67 12.16
CA PRO A 44 16.71 -2.83 11.39
C PRO A 44 16.07 -2.46 10.06
N THR A 45 16.13 -1.19 9.72
CA THR A 45 15.35 -0.68 8.57
C THR A 45 16.24 -0.05 7.53
N ARG A 46 16.19 -0.50 6.30
CA ARG A 46 16.84 0.14 5.16
C ARG A 46 15.86 1.04 4.48
N ILE A 47 16.34 2.16 3.93
CA ILE A 47 15.48 3.18 3.31
C ILE A 47 16.08 3.57 1.97
N GLY A 48 15.35 3.36 0.91
CA GLY A 48 15.84 3.71 -0.45
C GLY A 48 15.56 2.63 -1.40
N GLY A 49 15.57 2.94 -2.71
CA GLY A 49 15.49 1.90 -3.69
C GLY A 49 16.71 0.97 -3.73
N PHE A 50 16.58 -0.13 -4.42
CA PHE A 50 17.69 -1.06 -4.59
C PHE A 50 18.51 -0.79 -5.89
N GLY A 51 17.99 -0.01 -6.82
CA GLY A 51 18.67 0.04 -8.19
C GLY A 51 18.15 -0.99 -9.12
N GLY A 52 16.83 -1.13 -9.18
CA GLY A 52 16.21 -2.02 -10.09
C GLY A 52 16.44 -3.53 -9.74
N VAL A 53 16.20 -4.41 -10.71
CA VAL A 53 16.29 -5.84 -10.51
C VAL A 53 17.74 -6.19 -10.17
N ALA A 54 18.70 -5.67 -10.95
CA ALA A 54 20.05 -5.96 -10.69
C ALA A 54 20.53 -5.54 -9.34
N GLY A 55 20.12 -4.39 -8.91
CA GLY A 55 20.43 -3.88 -7.61
C GLY A 55 19.88 -4.71 -6.45
N LEU A 56 18.65 -5.22 -6.65
CA LEU A 56 18.03 -6.04 -5.61
C LEU A 56 18.74 -7.41 -5.59
N VAL A 57 19.05 -7.95 -6.78
CA VAL A 57 19.88 -9.17 -6.83
C VAL A 57 21.18 -9.03 -6.01
N ASP A 58 21.85 -7.93 -6.24
CA ASP A 58 23.08 -7.65 -5.58
C ASP A 58 22.87 -7.58 -4.06
N TYR A 59 21.84 -6.87 -3.63
CA TYR A 59 21.52 -6.76 -2.19
C TYR A 59 21.23 -8.13 -1.57
N LEU A 60 20.37 -8.90 -2.23
CA LEU A 60 20.04 -10.19 -1.66
C LEU A 60 21.28 -11.05 -1.42
N THR A 61 22.22 -10.90 -2.38
CA THR A 61 23.44 -11.74 -2.34
C THR A 61 24.35 -11.22 -1.21
N ARG A 62 24.63 -9.95 -1.21
CA ARG A 62 25.58 -9.41 -0.21
C ARG A 62 25.06 -9.49 1.17
N GLU A 63 23.73 -9.36 1.35
CA GLU A 63 23.09 -9.32 2.67
C GLU A 63 22.90 -10.74 3.11
N GLY A 64 22.94 -11.76 2.28
CA GLY A 64 22.66 -13.09 2.63
C GLY A 64 21.21 -13.37 2.98
N VAL A 65 20.29 -12.78 2.26
CA VAL A 65 18.84 -12.99 2.47
C VAL A 65 18.43 -14.40 2.07
N SER A 66 17.67 -15.06 2.93
CA SER A 66 17.14 -16.33 2.62
C SER A 66 15.75 -16.35 2.09
N HIS A 67 14.92 -15.40 2.48
CA HIS A 67 13.50 -15.33 2.16
C HIS A 67 13.15 -13.87 2.08
N VAL A 68 12.27 -13.55 1.12
CA VAL A 68 11.69 -12.23 0.97
C VAL A 68 10.18 -12.33 1.18
N ILE A 69 9.65 -11.45 2.03
CA ILE A 69 8.19 -11.21 2.11
C ILE A 69 7.93 -9.86 1.51
N ASP A 70 7.25 -9.90 0.36
CA ASP A 70 6.86 -8.68 -0.30
C ASP A 70 5.55 -8.21 0.28
N ALA A 71 5.61 -7.29 1.24
CA ALA A 71 4.43 -6.70 1.89
C ALA A 71 4.25 -5.28 1.44
N THR A 72 4.67 -5.00 0.22
CA THR A 72 4.40 -3.66 -0.36
C THR A 72 2.91 -3.54 -0.72
N HIS A 73 2.57 -2.29 -0.99
CA HIS A 73 1.25 -2.01 -1.44
C HIS A 73 0.94 -2.77 -2.71
N PRO A 74 -0.34 -3.22 -2.87
CA PRO A 74 -0.70 -3.89 -4.10
C PRO A 74 -0.53 -3.07 -5.36
N PHE A 75 -0.54 -1.74 -5.23
CA PHE A 75 -0.33 -0.86 -6.36
C PHE A 75 1.09 -0.47 -6.57
N ALA A 76 2.03 -0.93 -5.73
CA ALA A 76 3.48 -0.78 -5.90
C ALA A 76 3.92 -1.96 -6.74
N ALA A 77 3.54 -1.90 -8.05
CA ALA A 77 3.66 -3.07 -8.88
C ALA A 77 5.05 -3.21 -9.48
N GLN A 78 5.79 -2.16 -9.57
CA GLN A 78 7.17 -2.23 -10.06
CA GLN A 78 7.12 -2.33 -10.08
C GLN A 78 8.05 -2.95 -9.02
N MSE A 79 7.88 -2.57 -7.74
CA MSE A 79 8.65 -3.19 -6.71
C MSE A 79 8.34 -4.65 -6.70
O MSE A 79 9.20 -5.50 -6.57
CB MSE A 79 8.33 -2.55 -5.36
CG MSE A 79 9.25 -3.14 -4.24
SE MSE A 79 11.15 -2.77 -4.30
CE MSE A 79 11.52 -3.93 -2.83
N SER A 80 7.06 -4.99 -6.71
CA SER A 80 6.66 -6.38 -6.65
C SER A 80 7.18 -7.19 -7.85
N ALA A 81 7.08 -6.65 -9.06
CA ALA A 81 7.71 -7.32 -10.23
C ALA A 81 9.19 -7.45 -10.11
N ASN A 82 9.83 -6.45 -9.61
CA ASN A 82 11.29 -6.52 -9.41
C ASN A 82 11.64 -7.62 -8.45
N ALA A 83 10.86 -7.80 -7.39
CA ALA A 83 11.14 -8.85 -6.41
C ALA A 83 10.95 -10.22 -7.03
N VAL A 84 9.90 -10.43 -7.84
CA VAL A 84 9.75 -11.72 -8.49
C VAL A 84 11.00 -11.99 -9.32
N ALA A 85 11.48 -11.06 -10.10
CA ALA A 85 12.61 -11.30 -10.99
C ALA A 85 13.86 -11.51 -10.22
N ALA A 86 14.14 -10.68 -9.20
CA ALA A 86 15.38 -10.80 -8.46
C ALA A 86 15.41 -12.12 -7.66
N CYS A 87 14.31 -12.51 -7.03
CA CYS A 87 14.24 -13.76 -6.29
C CYS A 87 14.37 -14.96 -7.20
N ALA A 88 13.79 -14.88 -8.38
CA ALA A 88 13.97 -16.02 -9.32
C ALA A 88 15.42 -16.15 -9.73
N GLN A 89 16.08 -15.04 -10.00
CA GLN A 89 17.51 -15.03 -10.41
CA GLN A 89 17.51 -15.05 -10.42
C GLN A 89 18.44 -15.56 -9.33
N THR A 90 18.14 -15.30 -8.08
CA THR A 90 18.98 -15.71 -7.01
C THR A 90 18.57 -17.00 -6.35
N GLY A 91 17.40 -17.52 -6.61
CA GLY A 91 16.86 -18.66 -5.95
C GLY A 91 16.38 -18.43 -4.49
N VAL A 92 16.13 -17.17 -4.13
CA VAL A 92 15.58 -16.81 -2.82
C VAL A 92 14.09 -16.97 -2.85
N ALA A 93 13.56 -17.60 -1.82
CA ALA A 93 12.15 -17.84 -1.71
C ALA A 93 11.37 -16.53 -1.44
N LEU A 94 10.25 -16.40 -2.10
CA LEU A 94 9.44 -15.16 -2.07
C LEU A 94 7.97 -15.44 -1.82
N CYS A 95 7.35 -14.72 -0.87
CA CYS A 95 5.90 -14.71 -0.78
C CYS A 95 5.44 -13.28 -0.74
N ALA A 96 4.33 -12.95 -1.39
CA ALA A 96 3.71 -11.61 -1.27
C ALA A 96 2.66 -11.67 -0.24
N PHE A 97 2.74 -10.78 0.76
CA PHE A 97 1.76 -10.63 1.76
C PHE A 97 0.81 -9.56 1.33
N GLU A 98 -0.25 -10.02 0.70
CA GLU A 98 -1.33 -9.10 0.26
C GLU A 98 -2.65 -9.78 0.39
N ARG A 99 -3.58 -9.03 0.89
CA ARG A 99 -4.90 -9.52 1.30
C ARG A 99 -5.76 -9.50 0.02
N ALA A 100 -6.87 -10.20 0.09
CA ALA A 100 -7.80 -10.20 -1.04
C ALA A 100 -8.26 -8.75 -1.30
N PRO A 101 -8.59 -8.44 -2.52
CA PRO A 101 -9.22 -7.14 -2.78
C PRO A 101 -10.44 -6.98 -1.88
N TRP A 102 -10.74 -5.74 -1.57
CA TRP A 102 -11.99 -5.46 -0.91
C TRP A 102 -13.17 -5.78 -1.84
N THR A 103 -14.27 -6.27 -1.28
CA THR A 103 -15.46 -6.62 -2.05
C THR A 103 -16.66 -5.93 -1.40
N ALA A 104 -17.58 -5.64 -2.26
CA ALA A 104 -18.74 -4.86 -1.87
C ALA A 104 -19.68 -5.60 -0.97
N GLN A 105 -20.22 -4.91 0.02
CA GLN A 105 -21.28 -5.47 0.83
C GLN A 105 -22.45 -4.55 0.83
N ALA A 106 -23.46 -4.97 1.61
CA ALA A 106 -24.68 -4.22 1.70
C ALA A 106 -24.39 -2.79 2.12
N GLY A 107 -24.96 -1.89 1.38
CA GLY A 107 -24.81 -0.47 1.58
C GLY A 107 -23.72 0.20 0.75
N ASP A 108 -22.76 -0.57 0.21
CA ASP A 108 -21.70 -0.01 -0.68
C ASP A 108 -22.31 0.41 -1.99
N ARG A 109 -21.87 1.53 -2.53
CA ARG A 109 -22.23 1.94 -3.87
C ARG A 109 -20.98 2.17 -4.67
N TRP A 110 -20.50 1.14 -5.27
CA TRP A 110 -19.20 1.12 -5.93
C TRP A 110 -19.29 1.02 -7.40
N THR A 111 -18.41 1.71 -8.12
CA THR A 111 -18.13 1.40 -9.52
C THR A 111 -16.68 1.06 -9.65
N HIS A 112 -16.29 0.24 -10.57
CA HIS A 112 -14.98 -0.20 -10.82
C HIS A 112 -14.41 0.34 -12.09
N VAL A 113 -13.17 0.72 -12.06
CA VAL A 113 -12.41 1.20 -13.22
C VAL A 113 -11.04 0.55 -13.21
N PRO A 114 -10.42 0.46 -14.38
CA PRO A 114 -9.19 -0.34 -14.45
C PRO A 114 -7.97 0.36 -13.98
N ASP A 115 -7.92 1.65 -13.91
CA ASP A 115 -6.71 2.39 -13.64
C ASP A 115 -7.07 3.80 -13.28
N LEU A 116 -6.07 4.59 -12.90
CA LEU A 116 -6.31 5.90 -12.49
C LEU A 116 -6.92 6.82 -13.52
N ALA A 117 -6.43 6.70 -14.78
CA ALA A 117 -7.00 7.55 -15.85
C ALA A 117 -8.51 7.29 -16.08
N ALA A 118 -8.90 6.05 -15.92
CA ALA A 118 -10.32 5.71 -16.03
C ALA A 118 -11.13 6.25 -14.85
N ALA A 119 -10.51 6.39 -13.65
CA ALA A 119 -11.18 7.00 -12.57
C ALA A 119 -11.44 8.47 -12.82
N VAL A 120 -10.42 9.15 -13.46
CA VAL A 120 -10.63 10.52 -13.83
C VAL A 120 -11.83 10.64 -14.80
N ALA A 121 -11.86 9.76 -15.82
CA ALA A 121 -12.98 9.75 -16.79
C ALA A 121 -14.28 9.42 -16.18
N ALA A 122 -14.33 8.74 -15.02
CA ALA A 122 -15.56 8.38 -14.34
C ALA A 122 -16.23 9.47 -13.64
N LEU A 123 -15.48 10.52 -13.28
CA LEU A 123 -16.07 11.59 -12.53
C LEU A 123 -17.16 12.32 -13.33
N PRO A 124 -18.16 12.81 -12.68
CA PRO A 124 -19.20 13.54 -13.45
C PRO A 124 -18.69 14.80 -14.06
N GLN A 125 -19.45 15.31 -15.08
CA GLN A 125 -19.09 16.53 -15.68
C GLN A 125 -19.25 17.80 -14.79
N ALA A 126 -20.37 17.88 -14.16
CA ALA A 126 -20.70 19.02 -13.28
C ALA A 126 -19.81 18.96 -12.03
N PRO A 127 -19.32 20.10 -11.65
CA PRO A 127 -18.41 20.09 -10.48
C PRO A 127 -18.96 19.37 -9.24
N ALA A 128 -18.07 18.57 -8.67
CA ALA A 128 -18.36 17.70 -7.51
C ALA A 128 -17.33 18.00 -6.41
N ARG A 129 -17.43 17.25 -5.31
CA ARG A 129 -16.52 17.42 -4.17
C ARG A 129 -15.89 16.05 -3.92
N VAL A 130 -14.71 15.89 -4.48
CA VAL A 130 -14.14 14.54 -4.62
C VAL A 130 -12.98 14.30 -3.69
N PHE A 131 -13.08 13.26 -2.87
CA PHE A 131 -11.97 12.86 -2.05
C PHE A 131 -11.03 12.01 -2.85
N LEU A 132 -9.87 12.51 -3.29
CA LEU A 132 -8.87 11.74 -4.00
C LEU A 132 -8.04 11.04 -3.04
N ALA A 133 -8.49 9.89 -2.55
CA ALA A 133 -7.83 9.17 -1.51
C ALA A 133 -6.83 8.24 -2.04
N ILE A 134 -5.90 8.79 -2.83
CA ILE A 134 -4.95 8.09 -3.65
C ILE A 134 -3.56 8.59 -3.41
N GLY A 135 -3.32 9.38 -2.39
CA GLY A 135 -1.95 9.72 -2.07
C GLY A 135 -1.49 10.86 -2.87
N LYS A 136 -0.19 10.86 -3.21
CA LYS A 136 0.44 11.91 -3.91
C LYS A 136 0.87 11.63 -5.34
N GLN A 137 1.27 10.44 -5.64
CA GLN A 137 2.07 10.24 -6.88
C GLN A 137 1.27 10.52 -8.11
N HIS A 138 -0.04 10.27 -8.10
CA HIS A 138 -0.87 10.33 -9.30
C HIS A 138 -1.90 11.37 -9.28
N LEU A 139 -1.78 12.34 -8.36
CA LEU A 139 -2.74 13.49 -8.34
C LEU A 139 -2.77 14.23 -9.54
N ARG A 140 -1.66 14.34 -10.26
CA ARG A 140 -1.61 15.07 -11.46
C ARG A 140 -2.57 14.55 -12.54
N ASP A 141 -2.90 13.27 -12.50
CA ASP A 141 -3.82 12.72 -13.48
C ASP A 141 -5.15 13.47 -13.51
N PHE A 142 -5.59 13.95 -12.30
CA PHE A 142 -6.85 14.63 -12.12
C PHE A 142 -6.90 16.06 -12.58
N SER A 143 -5.73 16.54 -13.02
CA SER A 143 -5.64 17.78 -13.73
C SER A 143 -6.33 17.70 -15.09
N ALA A 144 -6.72 16.52 -15.51
CA ALA A 144 -7.59 16.38 -16.69
C ALA A 144 -9.05 16.58 -16.40
N ALA A 145 -9.42 16.69 -15.10
CA ALA A 145 -10.76 17.03 -14.70
C ALA A 145 -10.68 18.15 -13.69
N PRO A 146 -10.21 19.34 -14.05
CA PRO A 146 -9.88 20.39 -13.10
C PRO A 146 -11.05 21.06 -12.50
N GLN A 147 -12.24 20.89 -12.99
CA GLN A 147 -13.42 21.61 -12.55
C GLN A 147 -13.90 21.29 -11.12
N HIS A 148 -13.51 20.12 -10.60
CA HIS A 148 -14.03 19.67 -9.29
C HIS A 148 -13.30 20.39 -8.15
N HIS A 149 -13.97 20.34 -6.99
CA HIS A 149 -13.20 20.56 -5.75
C HIS A 149 -12.62 19.21 -5.29
N TYR A 150 -11.37 19.17 -5.01
CA TYR A 150 -10.69 18.00 -4.58
C TYR A 150 -10.24 18.13 -3.14
N LEU A 151 -10.43 17.07 -2.38
CA LEU A 151 -9.80 16.87 -1.07
C LEU A 151 -8.65 15.94 -1.23
N LEU A 152 -7.50 16.27 -0.80
CA LEU A 152 -6.29 15.46 -0.88
C LEU A 152 -5.86 15.06 0.51
N ARG A 153 -5.18 13.96 0.66
CA ARG A 153 -4.62 13.52 1.96
C ARG A 153 -3.17 13.08 1.66
N LEU A 154 -2.25 13.80 2.21
CA LEU A 154 -0.84 13.71 1.89
C LEU A 154 -0.04 13.44 3.15
N VAL A 155 0.95 12.54 3.09
CA VAL A 155 1.81 12.27 4.25
C VAL A 155 2.62 13.50 4.69
N ASP A 156 3.15 14.16 3.67
CA ASP A 156 4.06 15.36 3.91
C ASP A 156 3.43 16.58 3.32
N PRO A 157 3.74 17.76 3.89
CA PRO A 157 3.26 18.96 3.21
C PRO A 157 3.80 19.10 1.79
N PRO A 158 3.02 19.57 0.82
CA PRO A 158 3.51 19.78 -0.54
C PRO A 158 4.60 20.87 -0.57
N GLU A 159 5.55 20.74 -1.49
CA GLU A 159 6.56 21.79 -1.67
C GLU A 159 6.04 22.56 -2.87
N GLY A 160 6.06 21.89 -4.02
CA GLY A 160 5.49 22.50 -5.24
C GLY A 160 4.01 22.93 -5.24
N PRO A 161 3.64 23.78 -6.21
CA PRO A 161 2.27 24.04 -6.45
C PRO A 161 1.53 22.70 -6.74
N LEU A 162 0.29 22.67 -6.30
CA LEU A 162 -0.60 21.54 -6.64
C LEU A 162 -1.14 21.69 -8.05
N PRO A 163 -1.34 20.53 -8.74
CA PRO A 163 -1.73 20.53 -10.17
C PRO A 163 -3.22 20.65 -10.36
N LEU A 164 -3.91 21.13 -9.26
CA LEU A 164 -5.32 21.07 -9.29
C LEU A 164 -5.90 22.42 -8.92
N PRO A 165 -6.73 23.11 -9.61
CA PRO A 165 -6.96 24.53 -9.26
C PRO A 165 -7.81 24.67 -8.02
N ASP A 166 -8.63 23.71 -7.67
CA ASP A 166 -9.53 23.77 -6.48
C ASP A 166 -9.27 22.55 -5.60
N ALA A 167 -8.37 22.70 -4.65
CA ALA A 167 -8.01 21.58 -3.82
C ALA A 167 -7.53 22.03 -2.45
N ARG A 168 -7.85 21.22 -1.46
CA ARG A 168 -7.35 21.39 -0.10
C ARG A 168 -6.69 20.11 0.27
N ALA A 169 -5.54 20.16 0.96
CA ALA A 169 -4.92 18.93 1.48
C ALA A 169 -5.00 18.80 2.98
N VAL A 170 -5.28 17.62 3.46
CA VAL A 170 -5.00 17.28 4.87
C VAL A 170 -3.70 16.56 4.92
N ILE A 171 -2.86 16.87 5.90
CA ILE A 171 -1.54 16.26 6.04
C ILE A 171 -1.65 15.21 7.13
N ALA A 172 -1.62 13.95 6.76
CA ALA A 172 -1.89 12.82 7.68
C ALA A 172 -1.36 11.56 7.13
N ARG A 173 -1.03 10.62 7.99
CA ARG A 173 -0.69 9.27 7.52
C ARG A 173 -1.55 8.35 8.36
N GLY A 174 -1.84 7.21 7.79
CA GLY A 174 -2.67 6.23 8.49
C GLY A 174 -1.85 5.37 9.48
N PRO A 175 -2.44 4.36 10.01
CA PRO A 175 -3.79 3.82 9.69
C PRO A 175 -4.91 4.76 9.99
N PHE A 176 -5.95 4.70 9.21
CA PHE A 176 -7.10 5.55 9.36
C PHE A 176 -8.19 4.78 10.03
N THR A 177 -9.08 5.49 10.66
CA THR A 177 -10.16 4.96 11.38
C THR A 177 -11.45 5.36 10.74
N VAL A 178 -12.51 4.54 11.01
CA VAL A 178 -13.81 4.86 10.58
C VAL A 178 -14.33 6.17 11.13
N GLN A 179 -14.15 6.42 12.45
CA GLN A 179 -14.55 7.65 13.03
C GLN A 179 -13.85 8.86 12.39
N GLY A 180 -12.56 8.73 12.22
CA GLY A 180 -11.77 9.81 11.68
C GLY A 180 -12.17 10.16 10.23
N ASP A 181 -12.35 9.09 9.42
CA ASP A 181 -12.71 9.34 8.02
C ASP A 181 -14.10 9.77 7.85
N THR A 182 -15.03 9.34 8.75
CA THR A 182 -16.38 9.85 8.75
C THR A 182 -16.35 11.34 8.99
N GLU A 183 -15.64 11.81 9.99
CA GLU A 183 -15.61 13.23 10.29
C GLU A 183 -15.02 14.01 9.15
N LEU A 184 -13.97 13.52 8.51
CA LEU A 184 -13.39 14.20 7.36
C LEU A 184 -14.36 14.32 6.20
N LEU A 185 -14.97 13.23 5.84
CA LEU A 185 -15.88 13.28 4.68
C LEU A 185 -17.06 14.18 4.96
N ARG A 186 -17.58 14.14 6.23
CA ARG A 186 -18.60 15.17 6.61
CA ARG A 186 -18.60 15.17 6.62
C ARG A 186 -18.13 16.61 6.55
N SER A 187 -17.06 16.89 7.18
CA SER A 187 -16.59 18.28 7.29
C SER A 187 -16.28 18.90 5.93
N GLU A 188 -15.83 18.06 4.99
CA GLU A 188 -15.55 18.50 3.66
C GLU A 188 -16.73 18.38 2.72
N THR A 189 -17.85 17.93 3.19
CA THR A 189 -19.04 17.72 2.35
C THR A 189 -18.72 17.03 1.02
N ILE A 190 -18.01 15.91 1.14
CA ILE A 190 -17.60 15.12 -0.04
C ILE A 190 -18.81 14.46 -0.67
N THR A 191 -18.80 14.41 -2.00
CA THR A 191 -19.82 13.75 -2.79
C THR A 191 -19.37 12.45 -3.40
N HIS A 192 -18.05 12.29 -3.57
CA HIS A 192 -17.54 11.12 -4.28
C HIS A 192 -16.19 10.75 -3.71
N VAL A 193 -15.88 9.47 -3.56
CA VAL A 193 -14.56 9.00 -3.14
C VAL A 193 -13.88 8.26 -4.26
N VAL A 194 -12.64 8.55 -4.52
CA VAL A 194 -11.81 7.80 -5.46
C VAL A 194 -10.82 7.00 -4.65
N ALA A 195 -10.66 5.71 -4.89
CA ALA A 195 -9.85 4.81 -4.05
C ALA A 195 -9.23 3.76 -4.92
N LYS A 196 -8.02 3.34 -4.60
CA LYS A 196 -7.39 2.13 -5.15
C LYS A 196 -7.81 0.94 -4.31
N ASN A 197 -8.05 -0.22 -4.92
CA ASN A 197 -8.45 -1.40 -4.17
C ASN A 197 -7.21 -2.06 -3.50
N ALA A 198 -6.79 -1.50 -2.39
CA ALA A 198 -5.63 -2.01 -1.61
C ALA A 198 -5.99 -3.27 -0.91
N GLY A 199 -7.17 -3.42 -0.39
CA GLY A 199 -7.54 -4.58 0.40
C GLY A 199 -6.98 -4.64 1.82
N GLY A 200 -6.18 -3.66 2.20
CA GLY A 200 -5.44 -3.76 3.47
C GLY A 200 -6.29 -3.27 4.62
N ALA A 201 -5.81 -3.42 5.84
CA ALA A 201 -6.48 -2.94 7.04
C ALA A 201 -6.34 -1.44 7.25
N GLY A 202 -5.25 -0.85 6.79
CA GLY A 202 -4.91 0.48 7.17
C GLY A 202 -5.70 1.57 6.51
N ALA A 203 -6.36 1.31 5.35
CA ALA A 203 -7.12 2.36 4.66
C ALA A 203 -8.45 1.86 4.21
N GLU A 204 -8.99 0.82 4.89
CA GLU A 204 -10.39 0.42 4.64
C GLU A 204 -11.35 1.39 5.19
N ALA A 205 -10.92 2.19 6.16
CA ALA A 205 -11.83 3.11 6.86
C ALA A 205 -12.66 3.99 5.93
N LYS A 206 -12.02 4.50 4.83
CA LYS A 206 -12.72 5.42 3.98
C LYS A 206 -13.94 4.75 3.33
N LEU A 207 -13.85 3.48 3.08
CA LEU A 207 -14.98 2.76 2.45
C LEU A 207 -16.15 2.62 3.40
N ILE A 208 -15.84 2.35 4.69
CA ILE A 208 -16.91 2.23 5.70
C ILE A 208 -17.53 3.55 5.97
N ALA A 209 -16.66 4.60 6.08
CA ALA A 209 -17.13 5.94 6.21
C ALA A 209 -18.05 6.36 5.08
N ALA A 210 -17.63 6.09 3.83
CA ALA A 210 -18.47 6.39 2.71
C ALA A 210 -19.81 5.68 2.81
N ARG A 211 -19.78 4.42 3.18
CA ARG A 211 -21.01 3.67 3.34
C ARG A 211 -21.94 4.34 4.38
N SER A 212 -21.40 4.82 5.46
CA SER A 212 -22.22 5.51 6.51
C SER A 212 -22.83 6.75 6.03
N LEU A 213 -22.23 7.42 5.04
CA LEU A 213 -22.72 8.64 4.43
C LEU A 213 -23.48 8.45 3.17
N GLY A 214 -23.62 7.22 2.69
CA GLY A 214 -24.33 7.02 1.47
C GLY A 214 -23.61 7.52 0.24
N LEU A 215 -22.26 7.53 0.26
CA LEU A 215 -21.53 8.11 -0.85
C LEU A 215 -21.05 7.05 -1.82
N PRO A 216 -20.93 7.37 -3.09
CA PRO A 216 -20.34 6.46 -4.09
C PRO A 216 -18.82 6.44 -3.99
N VAL A 217 -18.28 5.31 -4.34
CA VAL A 217 -16.85 5.10 -4.43
C VAL A 217 -16.52 4.70 -5.84
N ILE A 218 -15.53 5.32 -6.48
CA ILE A 218 -14.94 4.89 -7.75
C ILE A 218 -13.69 4.15 -7.38
N LEU A 219 -13.68 2.85 -7.55
CA LEU A 219 -12.67 1.93 -7.03
C LEU A 219 -11.81 1.42 -8.15
N ILE A 220 -10.51 1.63 -8.04
CA ILE A 220 -9.60 1.29 -9.10
C ILE A 220 -9.10 -0.17 -8.85
N ASP A 221 -9.25 -1.00 -9.88
CA ASP A 221 -8.77 -2.37 -9.81
C ASP A 221 -7.25 -2.40 -9.75
N ARG A 222 -6.75 -3.52 -9.10
CA ARG A 222 -5.34 -3.68 -8.96
C ARG A 222 -4.60 -3.87 -10.31
N PRO A 223 -3.35 -3.44 -10.39
CA PRO A 223 -2.54 -3.57 -11.60
C PRO A 223 -2.02 -5.03 -11.67
N ALA A 224 -1.63 -5.42 -12.89
CA ALA A 224 -0.99 -6.71 -13.16
C ALA A 224 0.37 -6.79 -12.46
N VAL A 225 0.63 -7.97 -11.89
CA VAL A 225 1.94 -8.31 -11.36
C VAL A 225 2.26 -9.76 -11.74
N PRO A 226 3.50 -10.06 -12.07
CA PRO A 226 3.80 -11.44 -12.39
C PRO A 226 3.51 -12.38 -11.26
N ALA A 227 3.31 -13.66 -11.57
CA ALA A 227 2.92 -14.66 -10.60
C ALA A 227 4.07 -14.97 -9.60
N ARG A 228 3.61 -15.12 -8.35
CA ARG A 228 4.45 -15.53 -7.24
C ARG A 228 3.57 -16.02 -6.13
N ASP A 229 4.13 -16.72 -5.14
CA ASP A 229 3.37 -17.17 -4.06
C ASP A 229 2.68 -16.00 -3.34
N ILE A 230 1.42 -16.18 -2.99
CA ILE A 230 0.64 -15.14 -2.25
C ILE A 230 0.30 -15.68 -0.90
N CYS A 231 0.61 -14.93 0.16
CA CYS A 231 0.33 -15.21 1.53
C CYS A 231 -0.73 -14.19 1.89
N ALA A 232 -1.92 -14.60 2.07
CA ALA A 232 -3.06 -13.66 2.16
C ALA A 232 -3.34 -13.14 3.52
N THR A 233 -2.76 -13.72 4.55
CA THR A 233 -2.92 -13.38 5.91
C THR A 233 -1.61 -13.50 6.64
N LEU A 234 -1.55 -12.97 7.84
CA LEU A 234 -0.39 -13.04 8.69
C LEU A 234 -0.09 -14.47 9.05
N GLU A 235 -1.09 -15.24 9.41
CA GLU A 235 -0.91 -16.63 9.66
C GLU A 235 -0.38 -17.38 8.44
N GLY A 236 -0.89 -17.00 7.28
CA GLY A 236 -0.35 -17.55 6.05
C GLY A 236 1.15 -17.29 5.85
N VAL A 237 1.61 -16.10 6.18
CA VAL A 237 3.01 -15.77 6.02
C VAL A 237 3.79 -16.62 6.98
N MSE A 238 3.35 -16.79 8.21
N MSE A 238 3.34 -16.78 8.22
CA MSE A 238 4.12 -17.49 9.16
CA MSE A 238 4.02 -17.52 9.23
C MSE A 238 4.20 -18.99 8.79
C MSE A 238 4.18 -18.99 8.80
O MSE A 238 5.23 -19.60 8.93
O MSE A 238 5.24 -19.58 8.93
CB MSE A 238 3.54 -17.35 10.55
CB MSE A 238 3.16 -17.53 10.51
CG MSE A 238 3.60 -15.84 11.00
CG MSE A 238 3.37 -16.25 11.32
SE MSE A 238 5.23 -14.72 10.64
SE MSE A 238 2.47 -16.35 13.08
CE MSE A 238 6.42 -15.84 11.67
CE MSE A 238 2.65 -18.39 13.35
N GLY A 239 3.10 -19.54 8.27
CA GLY A 239 3.14 -20.97 7.78
C GLY A 239 4.06 -21.11 6.60
N TRP A 240 4.01 -20.17 5.65
CA TRP A 240 4.91 -20.20 4.50
C TRP A 240 6.32 -20.14 4.94
N LEU A 241 6.68 -19.27 5.91
CA LEU A 241 8.04 -19.17 6.32
C LEU A 241 8.51 -20.49 6.95
N ALA A 242 7.68 -21.04 7.83
CA ALA A 242 8.03 -22.34 8.43
C ALA A 242 8.28 -23.45 7.36
N ASP A 243 7.32 -23.45 6.43
CA ASP A 243 7.38 -24.46 5.30
C ASP A 243 8.61 -24.33 4.48
N HIS A 244 9.19 -23.12 4.30
CA HIS A 244 10.33 -22.88 3.52
C HIS A 244 11.61 -22.82 4.34
N GLY A 245 11.52 -23.34 5.57
CA GLY A 245 12.74 -23.54 6.35
C GLY A 245 13.26 -22.37 7.09
N ALA A 246 12.53 -21.23 7.11
CA ALA A 246 12.95 -20.12 7.96
C ALA A 246 12.75 -20.45 9.40
N THR A 247 13.72 -20.16 10.24
CA THR A 247 13.57 -20.37 11.69
C THR A 247 14.15 -19.10 12.40
N PRO A 248 13.60 -18.87 13.61
CA PRO A 248 14.07 -17.74 14.34
C PRO A 248 15.43 -17.98 14.97
N ARG A 249 15.93 -17.00 15.70
CA ARG A 249 17.19 -17.11 16.38
C ARG A 249 17.19 -18.24 17.43
N GLY A 250 16.11 -18.48 18.08
CA GLY A 250 16.01 -19.50 19.14
C GLY A 250 16.09 -18.94 20.51
N VAL A 251 16.30 -17.63 20.62
CA VAL A 251 16.36 -16.98 21.91
C VAL A 251 15.72 -17.85 22.98
PA NAP B . 6.59 1.11 -7.12
O1A NAP B . 6.11 2.05 -8.21
O2A NAP B . 6.26 -0.22 -7.24
O5B NAP B . 8.11 1.23 -6.89
C5B NAP B . 9.02 2.08 -7.59
C4B NAP B . 10.47 1.91 -7.17
O4B NAP B . 10.59 2.32 -5.74
C3B NAP B . 10.92 0.48 -7.05
O3B NAP B . 11.28 -0.03 -8.34
C2B NAP B . 12.00 0.52 -6.05
O2B NAP B . 13.15 1.20 -6.59
C1B NAP B . 11.49 1.43 -5.05
N9A NAP B . 10.70 0.80 -3.96
C8A NAP B . 9.34 0.59 -3.90
N7A NAP B . 9.00 0.00 -2.72
C5A NAP B . 10.20 -0.21 -2.09
C6A NAP B . 10.52 -0.80 -0.81
N6A NAP B . 9.58 -1.18 0.07
N1A NAP B . 11.82 -0.90 -0.44
C2A NAP B . 12.78 -0.45 -1.36
N3A NAP B . 12.63 0.13 -2.54
C4A NAP B . 11.31 0.25 -2.88
O3 NAP B . 6.03 1.54 -5.66
PN NAP B . 5.47 2.95 -5.07
O1N NAP B . 4.00 3.14 -5.44
O2N NAP B . 6.39 4.06 -5.38
O5D NAP B . 5.43 2.62 -3.49
C5D NAP B . 6.43 3.22 -2.63
C4D NAP B . 6.26 2.66 -1.29
O4D NAP B . 5.06 3.15 -0.73
C3D NAP B . 6.30 1.13 -1.18
O3D NAP B . 7.04 0.66 -0.03
C2D NAP B . 4.82 0.77 -1.02
O2D NAP B . 4.51 -0.35 -0.30
C1D NAP B . 4.29 2.05 -0.31
N1N NAP B . 2.97 2.31 -0.66
C2N NAP B . 2.46 2.39 -1.73
C3N NAP B . 1.14 2.61 -1.49
C7N NAP B . 0.89 2.60 -2.99
O7N NAP B . 2.11 2.35 -3.47
N7N NAP B . -0.39 2.79 -3.52
C4N NAP B . 0.55 2.66 -0.05
C5N NAP B . 1.30 2.58 1.27
C6N NAP B . 2.53 2.34 0.68
P2B NAP B . 14.38 0.33 -7.24
O1X NAP B . 15.41 1.43 -7.32
O2X NAP B . 14.67 -0.78 -6.39
O3X NAP B . 13.90 -0.41 -8.52
C48 3Y8 C . 6.33 5.40 2.78
C47 3Y8 C . 5.35 5.04 5.80
C43 3Y8 C . 1.57 1.45 9.16
C42 3Y8 C . 1.05 2.56 8.15
C41 3Y8 C . 0.98 1.82 6.83
C38 3Y8 C . -1.26 0.77 3.79
C37 3Y8 C . -1.76 1.45 5.01
C36 3Y8 C . -1.84 3.41 6.58
C35 3Y8 C . -3.33 3.80 3.85
C32 3Y8 C . -6.38 7.15 2.12
C31 3Y8 C . -5.39 6.22 1.29
C2 3Y8 C . -2.27 5.50 -0.05
C1 3Y8 C . -0.87 5.88 0.52
C4 3Y8 C . -1.97 4.77 2.21
C5 3Y8 C . -2.09 4.12 3.39
C7 3Y8 C . -1.06 2.83 5.35
C8 3Y8 C . 0.38 2.70 5.74
C6 3Y8 C . -1.01 3.72 4.25
C3 3Y8 C . -3.07 5.21 1.24
C11 3Y8 C . 3.02 5.20 4.60
C12 3Y8 C . 4.46 5.24 4.56
C13 3Y8 C . 4.91 5.44 3.33
C14 3Y8 C . 3.75 5.63 2.47
C15 3Y8 C . 3.82 5.88 1.12
C16 3Y8 C . 2.58 6.03 0.34
C17 3Y8 C . 2.52 6.61 -1.04
C18 3Y8 C . 0.97 6.57 -1.31
C19 3Y8 C . 0.38 5.50 -0.29
C20 3Y8 C . -0.82 7.35 0.96
C21 3Y8 C . 5.53 6.40 6.60
C24 3Y8 C . 2.43 6.19 5.60
C25 3Y8 C . -2.93 6.62 -0.87
C26 3Y8 C . -2.20 4.18 -0.83
O59 3Y8 C . 1.73 11.28 0.66
C57 3Y8 C . 2.63 10.41 0.30
O58 3Y8 C . 3.84 10.63 0.04
C56 3Y8 C . 2.09 9.03 0.01
C55 3Y8 C . 2.94 8.15 -0.96
C54 3Y8 C . 3.33 5.82 -2.05
C60 3Y8 C . 0.51 6.19 -2.72
C61 3Y8 C . 0.77 7.15 -3.78
O62 3Y8 C . 0.64 6.69 -4.98
O63 3Y8 C . 1.06 8.35 -3.55
N24 3Y8 C . 1.47 5.36 0.69
N23 3Y8 C . 2.64 5.50 3.26
C49 3Y8 C . 6.62 4.00 2.20
C50 3Y8 C . 8.00 3.75 1.70
O51 3Y8 C . 8.86 4.67 1.68
O52 3Y8 C . 8.24 2.53 1.41
O23 3Y8 C . 5.38 6.32 7.83
O22 3Y8 C . 5.80 7.39 5.97
C10 3Y8 C . 2.57 3.73 4.90
C9 3Y8 C . 1.10 3.53 4.97
N22 3Y8 C . 0.24 4.20 4.08
O44 3Y8 C . 0.69 0.70 9.60
O45 3Y8 C . 2.66 1.58 9.53
O39 3Y8 C . -1.29 -0.50 3.86
O40 3Y8 C . -1.01 1.43 2.78
N21 3Y8 C . -0.82 5.15 1.78
C27 3Y8 C . -3.60 3.64 -1.28
O28 3Y8 C . -4.02 4.08 -2.35
O29 3Y8 C . -4.21 2.85 -0.57
C30 3Y8 C . -4.02 6.25 1.90
O34 3Y8 C . -6.05 8.40 2.11
O33 3Y8 C . -7.35 6.49 2.47
#